data_7OQ9
#
_entry.id   7OQ9
#
_cell.length_a   82.512
_cell.length_b   111.345
_cell.length_c   61.865
_cell.angle_alpha   90.000
_cell.angle_beta   90.000
_cell.angle_gamma   90.000
#
_symmetry.space_group_name_H-M   'C 2 2 21'
#
loop_
_entity.id
_entity.type
_entity.pdbx_description
1 polymer '14-3-3 protein sigma'
2 polymer 'Peptidyl-prolyl cis-trans isomerase NIMA-interacting 1'
3 non-polymer ~{N}-[(5-carbamimidoyl-3-phenyl-thiophen-2-yl)methyl]-2,3-dihydro-1-benzofuran-5-carboxamide
4 non-polymer 'CHLORIDE ION'
5 water water
#
loop_
_entity_poly.entity_id
_entity_poly.type
_entity_poly.pdbx_seq_one_letter_code
_entity_poly.pdbx_strand_id
1 'polypeptide(L)'
;GAMGSMERASLIQKAKLAEQAERYEDMAAFMKGAVEKGEELS(CSO)EERNLLSVAYKNVVGGQRAAWRVLSSIEQKSNE
EGSEEKGPEVREYREKVETELQGVCDTVLGLLDSHLIKEAGDAESRVFYLKMKGDYYRYLAEVATGDDKKRIIDSARSAY
QEAMDISKKEMPPTNPIRLGLALNFSVFHYEIANSPEEAISLAKTTFDEAMADLHTLSEDSYKDSTLIMQLLRDNLTLWT
ADNAGEEGGEAPQEPQS
;
A
2 'polypeptide(L)' LVKHSQSRRPS(SEP)WRQEK P
#
# COMPACT_ATOMS: atom_id res chain seq x y z
N GLY A 1 -1.38 17.79 17.56
CA GLY A 1 -1.38 16.29 17.58
C GLY A 1 -0.74 15.76 18.84
N ALA A 2 -1.14 14.55 19.26
CA ALA A 2 -0.70 14.01 20.54
C ALA A 2 0.80 13.71 20.57
N MET A 3 1.42 13.54 19.40
CA MET A 3 2.87 13.31 19.34
C MET A 3 3.66 14.60 19.14
N GLY A 4 2.96 15.74 19.07
CA GLY A 4 3.62 17.02 18.85
C GLY A 4 4.68 17.39 19.86
N SER A 5 4.59 16.87 21.09
CA SER A 5 5.57 17.23 22.10
C SER A 5 6.79 16.29 22.10
N MET A 6 6.81 15.26 21.27
CA MET A 6 7.91 14.31 21.31
C MET A 6 8.90 14.59 20.19
N GLU A 7 10.18 14.48 20.53
CA GLU A 7 11.24 14.65 19.57
C GLU A 7 11.08 13.71 18.38
N ARG A 8 11.42 14.20 17.18
CA ARG A 8 11.38 13.35 16.00
C ARG A 8 12.21 12.08 16.19
N ALA A 9 13.45 12.21 16.71
CA ALA A 9 14.29 11.04 16.86
C ALA A 9 13.67 10.02 17.81
N SER A 10 13.05 10.50 18.91
CA SER A 10 12.40 9.62 19.85
C SER A 10 11.22 8.90 19.22
N LEU A 11 10.43 9.60 18.39
CA LEU A 11 9.33 8.96 17.66
C LEU A 11 9.83 7.84 16.76
N ILE A 12 10.93 8.07 16.02
CA ILE A 12 11.45 7.04 15.13
C ILE A 12 11.96 5.87 15.96
N GLN A 13 12.67 6.15 17.05
CA GLN A 13 13.15 5.11 17.95
C GLN A 13 11.99 4.27 18.48
N LYS A 14 10.91 4.93 18.91
CA LYS A 14 9.77 4.21 19.46
C LYS A 14 8.97 3.47 18.38
N ALA A 15 8.91 3.99 17.16
CA ALA A 15 8.32 3.23 16.06
C ALA A 15 9.04 1.90 15.89
N LYS A 16 10.37 1.92 15.95
CA LYS A 16 11.15 0.69 15.79
C LYS A 16 10.92 -0.25 16.97
N LEU A 17 10.79 0.28 18.18
CA LEU A 17 10.46 -0.58 19.32
C LEU A 17 9.05 -1.18 19.17
N ALA A 18 8.09 -0.38 18.74
CA ALA A 18 6.72 -0.87 18.57
C ALA A 18 6.67 -1.98 17.54
N GLU A 19 7.48 -1.87 16.49
CA GLU A 19 7.55 -2.95 15.50
C GLU A 19 8.04 -4.24 16.15
N GLN A 20 9.09 -4.13 16.96
CA GLN A 20 9.63 -5.32 17.62
C GLN A 20 8.62 -5.95 18.54
N ALA A 21 7.76 -5.14 19.16
CA ALA A 21 6.73 -5.59 20.09
C ALA A 21 5.43 -5.98 19.39
N GLU A 22 5.37 -5.88 18.07
CA GLU A 22 4.16 -6.15 17.28
C GLU A 22 3.00 -5.27 17.69
N ARG A 23 3.32 -4.01 18.02
CA ARG A 23 2.35 -3.01 18.43
C ARG A 23 2.17 -2.03 17.26
N TYR A 24 1.41 -2.47 16.27
CA TYR A 24 1.40 -1.74 15.00
C TYR A 24 0.56 -0.47 15.07
N GLU A 25 -0.48 -0.41 15.91
N GLU A 25 -0.48 -0.40 15.92
CA GLU A 25 -1.21 0.84 16.08
CA GLU A 25 -1.21 0.85 16.08
C GLU A 25 -0.29 1.91 16.67
C GLU A 25 -0.32 1.92 16.70
N ASP A 26 0.45 1.55 17.71
CA ASP A 26 1.45 2.46 18.29
C ASP A 26 2.46 2.88 17.24
N MET A 27 2.97 1.91 16.48
CA MET A 27 3.95 2.17 15.46
C MET A 27 3.45 3.23 14.49
N ALA A 28 2.19 3.08 14.06
CA ALA A 28 1.62 4.01 13.09
C ALA A 28 1.43 5.39 13.71
N ALA A 29 1.00 5.44 14.96
CA ALA A 29 0.84 6.75 15.61
C ALA A 29 2.19 7.45 15.75
N PHE A 30 3.25 6.70 16.09
CA PHE A 30 4.57 7.29 16.19
C PHE A 30 5.05 7.78 14.82
N MET A 31 4.80 7.01 13.76
CA MET A 31 5.24 7.44 12.43
C MET A 31 4.40 8.62 11.92
N LYS A 32 3.10 8.65 12.21
CA LYS A 32 2.30 9.84 11.91
C LYS A 32 2.93 11.08 12.56
N GLY A 33 3.29 10.96 13.85
CA GLY A 33 3.93 12.07 14.54
C GLY A 33 5.22 12.49 13.87
N ALA A 34 6.03 11.52 13.44
CA ALA A 34 7.29 11.84 12.77
C ALA A 34 7.05 12.57 11.45
N VAL A 35 6.10 12.09 10.64
CA VAL A 35 5.78 12.77 9.40
C VAL A 35 5.40 14.22 9.66
N GLU A 36 4.55 14.45 10.67
CA GLU A 36 4.00 15.77 10.95
C GLU A 36 5.03 16.77 11.44
N LYS A 37 6.25 16.33 11.79
CA LYS A 37 7.36 17.24 12.03
C LYS A 37 7.77 18.02 10.79
N GLY A 38 7.42 17.56 9.60
CA GLY A 38 7.66 18.30 8.38
C GLY A 38 9.00 18.10 7.70
N GLU A 39 9.83 17.17 8.15
CA GLU A 39 11.12 16.88 7.54
C GLU A 39 11.05 15.61 6.68
N GLU A 40 12.10 15.38 5.86
CA GLU A 40 12.17 14.20 5.02
C GLU A 40 11.98 12.94 5.85
N LEU A 41 11.37 11.93 5.24
CA LEU A 41 11.56 10.57 5.70
C LEU A 41 12.64 9.91 4.85
N SER A 42 13.59 9.27 5.50
CA SER A 42 14.60 8.44 4.86
C SER A 42 13.98 7.19 4.26
N GLU A 44 14.60 4.09 5.16
CA GLU A 44 14.22 3.27 6.31
C GLU A 44 12.92 3.77 6.94
N GLU A 45 12.83 5.08 7.11
CA GLU A 45 11.66 5.68 7.74
C GLU A 45 10.41 5.55 6.87
N ARG A 46 10.55 5.62 5.54
CA ARG A 46 9.42 5.37 4.67
C ARG A 46 8.94 3.94 4.81
N ASN A 47 9.89 3.00 4.89
CA ASN A 47 9.51 1.62 5.12
C ASN A 47 8.81 1.45 6.47
N LEU A 48 9.27 2.15 7.51
CA LEU A 48 8.60 2.06 8.80
C LEU A 48 7.15 2.56 8.71
N LEU A 49 6.94 3.67 8.02
CA LEU A 49 5.58 4.20 7.83
C LEU A 49 4.70 3.19 7.13
N SER A 50 5.21 2.63 6.03
CA SER A 50 4.47 1.66 5.23
C SER A 50 4.16 0.39 6.03
N VAL A 51 5.14 -0.13 6.77
CA VAL A 51 4.93 -1.34 7.58
C VAL A 51 3.83 -1.09 8.61
N ALA A 52 3.90 0.05 9.28
CA ALA A 52 2.96 0.33 10.35
C ALA A 52 1.53 0.36 9.83
N TYR A 53 1.26 1.18 8.82
CA TYR A 53 -0.11 1.31 8.35
C TYR A 53 -0.56 0.08 7.58
N LYS A 54 0.34 -0.65 6.93
CA LYS A 54 -0.10 -1.86 6.24
C LYS A 54 -0.58 -2.89 7.23
N ASN A 55 0.08 -3.00 8.37
CA ASN A 55 -0.38 -3.92 9.40
C ASN A 55 -1.68 -3.46 10.02
N VAL A 56 -1.82 -2.16 10.30
CA VAL A 56 -3.08 -1.66 10.87
C VAL A 56 -4.24 -1.93 9.92
N VAL A 57 -4.12 -1.45 8.68
CA VAL A 57 -5.23 -1.58 7.74
C VAL A 57 -5.43 -3.05 7.35
N GLY A 58 -4.37 -3.87 7.41
CA GLY A 58 -4.53 -5.28 7.09
C GLY A 58 -5.45 -6.00 8.04
N GLY A 59 -5.29 -5.75 9.34
CA GLY A 59 -6.19 -6.31 10.31
C GLY A 59 -7.62 -5.85 10.10
N GLN A 60 -7.80 -4.58 9.74
CA GLN A 60 -9.13 -4.05 9.49
C GLN A 60 -9.74 -4.68 8.24
N ARG A 61 -8.94 -4.85 7.19
CA ARG A 61 -9.47 -5.42 5.96
C ARG A 61 -9.89 -6.86 6.17
N ALA A 62 -9.07 -7.60 6.89
CA ALA A 62 -9.40 -8.99 7.17
C ALA A 62 -10.69 -9.10 7.97
N ALA A 63 -10.86 -8.25 9.00
CA ALA A 63 -12.09 -8.21 9.77
C ALA A 63 -13.28 -7.85 8.89
N TRP A 64 -13.12 -6.81 8.07
CA TRP A 64 -14.19 -6.38 7.18
C TRP A 64 -14.64 -7.52 6.27
N ARG A 65 -13.68 -8.28 5.71
N ARG A 65 -13.69 -8.29 5.71
CA ARG A 65 -14.05 -9.37 4.80
CA ARG A 65 -14.06 -9.36 4.79
C ARG A 65 -14.85 -10.43 5.53
C ARG A 65 -14.83 -10.45 5.51
N VAL A 66 -14.44 -10.78 6.74
CA VAL A 66 -15.18 -11.75 7.54
C VAL A 66 -16.61 -11.28 7.75
N LEU A 67 -16.78 -10.02 8.19
CA LEU A 67 -18.11 -9.52 8.50
C LEU A 67 -18.97 -9.37 7.26
N SER A 68 -18.37 -8.90 6.15
CA SER A 68 -19.10 -8.76 4.90
C SER A 68 -19.60 -10.11 4.41
N SER A 69 -18.78 -11.16 4.54
CA SER A 69 -19.23 -12.49 4.15
C SER A 69 -20.41 -12.94 4.99
N ILE A 70 -20.32 -12.75 6.31
CA ILE A 70 -21.44 -13.10 7.20
C ILE A 70 -22.68 -12.30 6.81
N GLU A 71 -22.49 -11.01 6.53
CA GLU A 71 -23.60 -10.15 6.14
C GLU A 71 -24.26 -10.64 4.86
N GLN A 72 -23.45 -10.96 3.85
CA GLN A 72 -24.00 -11.46 2.60
C GLN A 72 -24.73 -12.78 2.79
N LYS A 73 -24.17 -13.67 3.63
CA LYS A 73 -24.85 -14.93 3.91
C LYS A 73 -26.26 -14.68 4.45
N SER A 74 -26.41 -13.68 5.32
CA SER A 74 -27.69 -13.38 5.94
C SER A 74 -28.59 -12.56 5.04
N ASN A 75 -28.46 -12.73 3.73
CA ASN A 75 -29.26 -11.99 2.75
C ASN A 75 -29.48 -12.80 1.48
N GLY A 83 -31.78 -9.17 12.37
CA GLY A 83 -31.57 -7.89 13.02
C GLY A 83 -30.45 -7.07 12.40
N PRO A 84 -30.26 -5.84 12.89
CA PRO A 84 -29.31 -4.91 12.27
C PRO A 84 -27.86 -5.12 12.69
N GLU A 85 -27.58 -6.06 13.59
CA GLU A 85 -26.29 -6.08 14.28
C GLU A 85 -25.12 -6.36 13.34
N VAL A 86 -25.28 -7.31 12.43
CA VAL A 86 -24.17 -7.64 11.52
C VAL A 86 -23.82 -6.41 10.66
N ARG A 87 -24.83 -5.79 10.04
CA ARG A 87 -24.59 -4.57 9.27
C ARG A 87 -23.98 -3.49 10.13
N GLU A 88 -24.49 -3.30 11.35
CA GLU A 88 -23.96 -2.24 12.20
C GLU A 88 -22.49 -2.45 12.47
N TYR A 89 -22.10 -3.69 12.81
CA TYR A 89 -20.72 -3.93 13.20
C TYR A 89 -19.80 -3.88 11.98
N ARG A 90 -20.28 -4.37 10.83
CA ARG A 90 -19.51 -4.19 9.60
C ARG A 90 -19.29 -2.70 9.30
N GLU A 91 -20.35 -1.89 9.44
CA GLU A 91 -20.21 -0.45 9.23
C GLU A 91 -19.21 0.17 10.21
N LYS A 92 -19.17 -0.32 11.45
CA LYS A 92 -18.22 0.21 12.44
C LYS A 92 -16.78 -0.05 11.99
N VAL A 93 -16.49 -1.29 11.60
CA VAL A 93 -15.15 -1.63 11.13
C VAL A 93 -14.84 -0.85 9.88
N GLU A 94 -15.82 -0.74 8.97
CA GLU A 94 -15.62 -0.04 7.70
C GLU A 94 -15.26 1.42 7.94
N THR A 95 -15.99 2.07 8.86
CA THR A 95 -15.72 3.47 9.17
C THR A 95 -14.33 3.64 9.74
N GLU A 96 -13.89 2.73 10.61
N GLU A 96 -13.91 2.73 10.62
CA GLU A 96 -12.54 2.83 11.17
CA GLU A 96 -12.57 2.78 11.19
C GLU A 96 -11.49 2.61 10.08
C GLU A 96 -11.50 2.60 10.10
N LEU A 97 -11.74 1.67 9.17
CA LEU A 97 -10.84 1.45 8.06
C LEU A 97 -10.72 2.68 7.18
N GLN A 98 -11.86 3.28 6.84
CA GLN A 98 -11.86 4.50 6.03
C GLN A 98 -11.11 5.63 6.72
N GLY A 99 -11.26 5.73 8.04
CA GLY A 99 -10.54 6.75 8.78
C GLY A 99 -9.03 6.58 8.71
N VAL A 100 -8.55 5.35 8.80
CA VAL A 100 -7.12 5.08 8.68
C VAL A 100 -6.63 5.45 7.27
N CYS A 101 -7.35 5.01 6.23
CA CYS A 101 -6.98 5.39 4.86
C CYS A 101 -6.97 6.90 4.68
N ASP A 102 -7.99 7.60 5.21
CA ASP A 102 -8.04 9.07 5.12
C ASP A 102 -6.82 9.70 5.79
N THR A 103 -6.40 9.15 6.92
CA THR A 103 -5.25 9.68 7.64
C THR A 103 -4.00 9.54 6.81
N VAL A 104 -3.79 8.36 6.21
CA VAL A 104 -2.58 8.14 5.41
C VAL A 104 -2.58 9.07 4.20
N LEU A 105 -3.72 9.11 3.48
CA LEU A 105 -3.85 9.98 2.32
C LEU A 105 -3.63 11.44 2.70
N GLY A 106 -4.08 11.85 3.89
CA GLY A 106 -3.82 13.20 4.36
C GLY A 106 -2.36 13.51 4.59
N LEU A 107 -1.60 12.53 5.12
CA LEU A 107 -0.16 12.71 5.28
C LEU A 107 0.52 12.83 3.93
N LEU A 108 0.08 12.03 2.96
CA LEU A 108 0.67 12.09 1.62
C LEU A 108 0.40 13.43 0.95
N ASP A 109 -0.83 13.92 1.06
CA ASP A 109 -1.20 15.16 0.43
C ASP A 109 -0.72 16.39 1.20
N SER A 110 -0.45 16.26 2.49
CA SER A 110 -0.01 17.36 3.34
C SER A 110 1.13 16.90 4.28
N HIS A 111 2.38 16.84 3.80
CA HIS A 111 2.83 17.29 2.48
C HIS A 111 3.91 16.37 1.93
N LEU A 112 3.81 15.06 2.18
CA LEU A 112 4.89 14.15 1.82
C LEU A 112 5.18 14.20 0.32
N ILE A 113 4.13 14.14 -0.50
CA ILE A 113 4.36 14.01 -1.92
C ILE A 113 5.01 15.27 -2.48
N LYS A 114 4.46 16.44 -2.17
CA LYS A 114 4.99 17.65 -2.78
C LYS A 114 6.42 17.91 -2.31
N GLU A 115 6.77 17.49 -1.10
CA GLU A 115 8.12 17.68 -0.61
C GLU A 115 9.06 16.54 -0.97
N ALA A 116 8.60 15.55 -1.72
CA ALA A 116 9.44 14.41 -2.08
C ALA A 116 10.34 14.83 -3.24
N GLY A 117 11.57 15.23 -2.92
CA GLY A 117 12.42 15.89 -3.90
C GLY A 117 13.28 15.02 -4.79
N ASP A 118 13.00 13.72 -4.87
CA ASP A 118 13.63 12.88 -5.89
C ASP A 118 12.69 11.75 -6.25
N ALA A 119 13.07 10.98 -7.28
CA ALA A 119 12.19 9.93 -7.80
C ALA A 119 11.96 8.81 -6.81
N GLU A 120 13.02 8.33 -6.15
CA GLU A 120 12.91 7.29 -5.13
C GLU A 120 11.78 7.61 -4.14
N SER A 121 11.80 8.82 -3.57
CA SER A 121 10.81 9.15 -2.55
C SER A 121 9.44 9.40 -3.15
N ARG A 122 9.36 10.09 -4.29
CA ARG A 122 8.06 10.39 -4.88
C ARG A 122 7.34 9.12 -5.33
N VAL A 123 8.06 8.18 -5.93
CA VAL A 123 7.45 6.92 -6.35
C VAL A 123 6.89 6.17 -5.14
N PHE A 124 7.66 6.11 -4.06
CA PHE A 124 7.24 5.42 -2.84
C PHE A 124 5.90 5.96 -2.36
N TYR A 125 5.77 7.30 -2.31
CA TYR A 125 4.57 7.91 -1.75
C TYR A 125 3.39 7.79 -2.69
N LEU A 126 3.63 7.87 -4.00
CA LEU A 126 2.56 7.70 -4.98
C LEU A 126 2.05 6.28 -5.01
N LYS A 127 2.93 5.29 -4.81
CA LYS A 127 2.48 3.91 -4.61
C LYS A 127 1.58 3.81 -3.40
N MET A 128 1.98 4.45 -2.30
CA MET A 128 1.15 4.42 -1.10
C MET A 128 -0.21 5.06 -1.37
N LYS A 129 -0.23 6.16 -2.11
CA LYS A 129 -1.49 6.82 -2.45
C LYS A 129 -2.40 5.86 -3.20
N GLY A 130 -1.84 5.14 -4.18
CA GLY A 130 -2.63 4.15 -4.90
C GLY A 130 -3.15 3.06 -3.98
N ASP A 131 -2.28 2.56 -3.09
CA ASP A 131 -2.68 1.50 -2.17
C ASP A 131 -3.85 1.93 -1.29
N TYR A 132 -3.78 3.12 -0.69
CA TYR A 132 -4.84 3.48 0.28
C TYR A 132 -6.12 3.91 -0.42
N TYR A 133 -6.06 4.45 -1.64
CA TYR A 133 -7.27 4.56 -2.44
C TYR A 133 -7.82 3.18 -2.82
N ARG A 134 -6.94 2.22 -3.14
CA ARG A 134 -7.42 0.86 -3.41
C ARG A 134 -8.19 0.29 -2.20
N TYR A 135 -7.69 0.51 -0.99
CA TYR A 135 -8.38 -0.05 0.18
C TYR A 135 -9.72 0.65 0.39
N LEU A 136 -9.79 1.96 0.12
CA LEU A 136 -11.09 2.63 0.09
C LEU A 136 -12.00 2.03 -0.97
N ALA A 137 -11.47 1.73 -2.17
CA ALA A 137 -12.32 1.17 -3.23
C ALA A 137 -12.90 -0.18 -2.84
N GLU A 138 -12.17 -0.99 -2.06
CA GLU A 138 -12.63 -2.31 -1.70
C GLU A 138 -13.96 -2.25 -0.95
N VAL A 139 -14.19 -1.19 -0.17
CA VAL A 139 -15.38 -1.08 0.66
C VAL A 139 -16.37 -0.08 0.11
N ALA A 140 -16.06 0.57 -0.99
CA ALA A 140 -16.89 1.61 -1.55
C ALA A 140 -17.99 1.00 -2.41
N THR A 141 -19.06 1.76 -2.56
CA THR A 141 -20.15 1.31 -3.43
C THR A 141 -20.57 2.44 -4.37
N GLY A 142 -21.02 2.04 -5.57
CA GLY A 142 -21.72 2.97 -6.43
C GLY A 142 -20.81 4.01 -7.06
N ASP A 143 -21.28 5.27 -7.04
CA ASP A 143 -20.59 6.33 -7.78
C ASP A 143 -19.38 6.84 -7.01
N ASP A 144 -19.45 6.91 -5.69
CA ASP A 144 -18.24 7.17 -4.91
C ASP A 144 -17.16 6.18 -5.31
N LYS A 145 -17.54 4.93 -5.56
CA LYS A 145 -16.56 3.92 -5.92
C LYS A 145 -15.82 4.29 -7.21
N LYS A 146 -16.54 4.83 -8.19
CA LYS A 146 -15.93 5.11 -9.49
C LYS A 146 -14.85 6.19 -9.36
N ARG A 147 -15.12 7.25 -8.60
CA ARG A 147 -14.14 8.31 -8.43
C ARG A 147 -12.93 7.80 -7.65
N ILE A 148 -13.17 6.94 -6.66
CA ILE A 148 -12.06 6.40 -5.87
C ILE A 148 -11.17 5.51 -6.73
N ILE A 149 -11.79 4.71 -7.58
CA ILE A 149 -11.03 3.83 -8.47
C ILE A 149 -10.14 4.66 -9.38
N ASP A 150 -10.66 5.77 -9.90
CA ASP A 150 -9.89 6.63 -10.78
C ASP A 150 -8.74 7.30 -10.03
N SER A 151 -8.95 7.63 -8.76
CA SER A 151 -7.87 8.24 -7.98
C SER A 151 -6.76 7.23 -7.74
N ALA A 152 -7.11 5.97 -7.47
CA ALA A 152 -6.07 4.94 -7.33
C ALA A 152 -5.31 4.74 -8.63
N ARG A 153 -6.03 4.55 -9.74
CA ARG A 153 -5.35 4.33 -11.01
C ARG A 153 -4.40 5.48 -11.33
N SER A 154 -4.87 6.71 -11.14
CA SER A 154 -4.08 7.89 -11.47
C SER A 154 -2.79 7.94 -10.66
N ALA A 155 -2.87 7.67 -9.35
CA ALA A 155 -1.68 7.68 -8.51
C ALA A 155 -0.72 6.58 -8.93
N TYR A 156 -1.24 5.35 -9.14
CA TYR A 156 -0.41 4.24 -9.56
C TYR A 156 0.27 4.55 -10.91
N GLN A 157 -0.50 5.06 -11.86
CA GLN A 157 0.05 5.33 -13.19
C GLN A 157 1.17 6.36 -13.13
N GLU A 158 0.99 7.43 -12.34
CA GLU A 158 2.05 8.44 -12.24
C GLU A 158 3.31 7.83 -11.62
N ALA A 159 3.14 6.97 -10.61
CA ALA A 159 4.29 6.31 -10.02
C ALA A 159 4.99 5.42 -11.03
N MET A 160 4.22 4.68 -11.82
CA MET A 160 4.78 3.82 -12.86
C MET A 160 5.58 4.64 -13.87
N ASP A 161 5.03 5.75 -14.33
CA ASP A 161 5.72 6.60 -15.30
C ASP A 161 7.09 7.03 -14.77
N ILE A 162 7.13 7.52 -13.53
CA ILE A 162 8.39 7.98 -12.96
C ILE A 162 9.33 6.80 -12.77
N SER A 163 8.83 5.68 -12.22
CA SER A 163 9.69 4.55 -11.91
C SER A 163 10.32 3.97 -13.17
N LYS A 164 9.59 3.95 -14.28
CA LYS A 164 10.17 3.42 -15.51
C LYS A 164 11.27 4.32 -16.04
N LYS A 165 11.16 5.65 -15.83
CA LYS A 165 12.18 6.58 -16.28
C LYS A 165 13.41 6.58 -15.39
N GLU A 166 13.22 6.43 -14.08
CA GLU A 166 14.26 6.76 -13.10
C GLU A 166 14.79 5.60 -12.29
N MET A 167 14.17 4.42 -12.37
CA MET A 167 14.64 3.30 -11.56
C MET A 167 14.90 2.11 -12.46
N PRO A 168 15.82 1.23 -12.08
CA PRO A 168 16.00 0.00 -12.87
C PRO A 168 14.83 -0.95 -12.66
N PRO A 169 14.64 -1.88 -13.59
CA PRO A 169 13.48 -2.77 -13.51
C PRO A 169 13.51 -3.76 -12.35
N THR A 170 14.64 -3.89 -11.65
CA THR A 170 14.74 -4.74 -10.48
C THR A 170 14.58 -3.98 -9.17
N ASN A 171 14.41 -2.68 -9.22
CA ASN A 171 14.28 -1.91 -7.98
C ASN A 171 13.07 -2.41 -7.19
N PRO A 172 13.22 -2.74 -5.91
CA PRO A 172 12.12 -3.38 -5.17
C PRO A 172 10.88 -2.51 -5.00
N ILE A 173 11.04 -1.20 -4.91
CA ILE A 173 9.90 -0.30 -4.86
C ILE A 173 9.16 -0.30 -6.19
N ARG A 174 9.90 -0.24 -7.29
CA ARG A 174 9.30 -0.38 -8.62
C ARG A 174 8.56 -1.70 -8.77
N LEU A 175 9.18 -2.80 -8.35
CA LEU A 175 8.52 -4.10 -8.44
C LEU A 175 7.27 -4.16 -7.55
N GLY A 176 7.36 -3.66 -6.32
CA GLY A 176 6.19 -3.74 -5.44
C GLY A 176 5.06 -2.86 -5.93
N LEU A 177 5.39 -1.71 -6.50
CA LEU A 177 4.41 -0.85 -7.17
C LEU A 177 3.70 -1.61 -8.29
N ALA A 178 4.46 -2.23 -9.19
CA ALA A 178 3.85 -2.95 -10.31
C ALA A 178 2.99 -4.11 -9.83
N LEU A 179 3.48 -4.87 -8.86
CA LEU A 179 2.70 -5.93 -8.24
C LEU A 179 1.34 -5.41 -7.78
N ASN A 180 1.33 -4.33 -6.99
CA ASN A 180 0.09 -3.80 -6.43
C ASN A 180 -0.82 -3.19 -7.50
N PHE A 181 -0.25 -2.50 -8.48
CA PHE A 181 -1.07 -1.96 -9.57
C PHE A 181 -1.72 -3.10 -10.35
N SER A 182 -1.00 -4.21 -10.51
N SER A 182 -1.00 -4.21 -10.51
CA SER A 182 -1.58 -5.37 -11.20
CA SER A 182 -1.56 -5.38 -11.19
C SER A 182 -2.73 -5.94 -10.40
C SER A 182 -2.72 -5.96 -10.40
N VAL A 183 -2.58 -6.02 -9.07
CA VAL A 183 -3.69 -6.45 -8.22
C VAL A 183 -4.88 -5.50 -8.34
N PHE A 184 -4.61 -4.20 -8.31
CA PHE A 184 -5.66 -3.22 -8.57
C PHE A 184 -6.41 -3.55 -9.86
N HIS A 185 -5.69 -3.79 -10.95
CA HIS A 185 -6.35 -4.05 -12.23
C HIS A 185 -7.25 -5.28 -12.13
N TYR A 186 -6.77 -6.34 -11.48
CA TYR A 186 -7.49 -7.61 -11.46
C TYR A 186 -8.69 -7.54 -10.52
N GLU A 187 -8.47 -7.01 -9.32
CA GLU A 187 -9.44 -7.12 -8.24
C GLU A 187 -10.40 -5.94 -8.17
N ILE A 188 -9.95 -4.75 -8.55
CA ILE A 188 -10.71 -3.52 -8.38
C ILE A 188 -11.30 -3.05 -9.70
N ALA A 189 -10.48 -3.01 -10.76
CA ALA A 189 -10.87 -2.39 -12.02
C ALA A 189 -11.51 -3.35 -13.02
N ASN A 190 -11.71 -4.61 -12.67
CA ASN A 190 -12.22 -5.62 -13.60
C ASN A 190 -11.47 -5.60 -14.93
N SER A 191 -10.15 -5.59 -14.82
CA SER A 191 -9.26 -5.56 -15.99
C SER A 191 -8.22 -6.66 -15.83
N PRO A 192 -8.66 -7.91 -15.79
CA PRO A 192 -7.70 -9.02 -15.57
C PRO A 192 -6.66 -9.12 -16.66
N GLU A 193 -6.99 -8.74 -17.89
CA GLU A 193 -5.97 -8.78 -18.93
C GLU A 193 -4.85 -7.79 -18.65
N GLU A 194 -5.22 -6.56 -18.26
CA GLU A 194 -4.22 -5.58 -17.86
C GLU A 194 -3.36 -6.11 -16.72
N ALA A 195 -4.00 -6.76 -15.74
CA ALA A 195 -3.28 -7.32 -14.60
C ALA A 195 -2.24 -8.34 -15.03
N ILE A 196 -2.63 -9.25 -15.92
CA ILE A 196 -1.73 -10.27 -16.43
C ILE A 196 -0.61 -9.65 -17.24
N SER A 197 -0.96 -8.73 -18.15
N SER A 197 -0.95 -8.72 -18.13
CA SER A 197 0.05 -8.04 -18.95
CA SER A 197 0.06 -8.07 -18.94
C SER A 197 1.09 -7.39 -18.05
C SER A 197 1.09 -7.35 -18.08
N LEU A 198 0.63 -6.64 -17.06
CA LEU A 198 1.56 -5.90 -16.21
C LEU A 198 2.44 -6.84 -15.40
N ALA A 199 1.86 -7.86 -14.77
CA ALA A 199 2.67 -8.75 -13.94
C ALA A 199 3.71 -9.48 -14.78
N LYS A 200 3.34 -9.84 -16.01
CA LYS A 200 4.22 -10.62 -16.88
C LYS A 200 5.38 -9.78 -17.38
N THR A 201 5.11 -8.59 -17.93
CA THR A 201 6.18 -7.72 -18.38
C THR A 201 7.11 -7.34 -17.22
N THR A 202 6.54 -7.04 -16.06
CA THR A 202 7.36 -6.68 -14.92
C THR A 202 8.28 -7.82 -14.52
N PHE A 203 7.71 -9.03 -14.43
CA PHE A 203 8.51 -10.20 -14.08
C PHE A 203 9.64 -10.42 -15.09
N ASP A 204 9.30 -10.44 -16.38
CA ASP A 204 10.29 -10.73 -17.41
C ASP A 204 11.40 -9.68 -17.42
N GLU A 205 11.04 -8.41 -17.29
CA GLU A 205 12.04 -7.36 -17.36
C GLU A 205 12.93 -7.34 -16.12
N ALA A 206 12.39 -7.74 -14.97
CA ALA A 206 13.23 -7.94 -13.79
C ALA A 206 14.20 -9.10 -14.00
N MET A 207 13.69 -10.25 -14.45
CA MET A 207 14.57 -11.40 -14.67
C MET A 207 15.74 -11.05 -15.60
N ALA A 208 15.48 -10.28 -16.66
CA ALA A 208 16.53 -9.95 -17.62
C ALA A 208 17.56 -8.99 -17.05
N ASP A 209 17.26 -8.33 -15.93
CA ASP A 209 18.15 -7.40 -15.27
C ASP A 209 18.87 -8.00 -14.06
N LEU A 210 18.56 -9.23 -13.65
CA LEU A 210 19.15 -9.80 -12.44
C LEU A 210 20.66 -9.91 -12.55
N HIS A 211 21.18 -10.09 -13.77
CA HIS A 211 22.62 -10.28 -13.96
C HIS A 211 23.43 -9.07 -13.51
N THR A 212 22.79 -7.90 -13.36
CA THR A 212 23.47 -6.67 -12.93
C THR A 212 23.61 -6.54 -11.42
N LEU A 213 23.02 -7.43 -10.64
CA LEU A 213 22.86 -7.26 -9.21
C LEU A 213 23.83 -8.08 -8.38
N SER A 214 24.17 -7.54 -7.22
CA SER A 214 24.82 -8.27 -6.15
C SER A 214 23.93 -9.38 -5.59
N GLU A 215 24.55 -10.27 -4.79
CA GLU A 215 23.79 -11.32 -4.11
C GLU A 215 22.67 -10.72 -3.26
N ASP A 216 22.92 -9.60 -2.59
CA ASP A 216 21.91 -9.05 -1.69
C ASP A 216 20.76 -8.39 -2.46
N SER A 217 21.09 -7.57 -3.46
CA SER A 217 20.05 -6.98 -4.29
C SER A 217 19.28 -8.06 -5.05
N TYR A 218 19.98 -9.12 -5.48
CA TYR A 218 19.32 -10.26 -6.11
C TYR A 218 18.23 -10.84 -5.22
N LYS A 219 18.52 -11.00 -3.92
CA LYS A 219 17.52 -11.51 -2.98
C LYS A 219 16.36 -10.54 -2.80
N ASP A 220 16.64 -9.24 -2.71
CA ASP A 220 15.56 -8.25 -2.64
C ASP A 220 14.61 -8.38 -3.82
N SER A 221 15.15 -8.45 -5.03
CA SER A 221 14.32 -8.44 -6.23
C SER A 221 13.59 -9.76 -6.41
N THR A 222 14.26 -10.89 -6.18
CA THR A 222 13.59 -12.15 -6.41
C THR A 222 12.47 -12.39 -5.40
N LEU A 223 12.51 -11.74 -4.24
CA LEU A 223 11.42 -11.87 -3.27
C LEU A 223 10.11 -11.35 -3.85
N ILE A 224 10.15 -10.18 -4.48
CA ILE A 224 8.91 -9.64 -5.07
C ILE A 224 8.57 -10.37 -6.38
N MET A 225 9.59 -10.80 -7.12
CA MET A 225 9.33 -11.61 -8.31
C MET A 225 8.52 -12.85 -7.98
N GLN A 226 8.82 -13.48 -6.83
CA GLN A 226 8.02 -14.60 -6.34
C GLN A 226 6.54 -14.25 -6.26
N LEU A 227 6.22 -13.05 -5.79
CA LEU A 227 4.80 -12.69 -5.65
C LEU A 227 4.15 -12.45 -7.01
N LEU A 228 4.89 -11.86 -7.96
CA LEU A 228 4.40 -11.73 -9.32
C LEU A 228 4.10 -13.10 -9.91
N ARG A 229 5.00 -14.05 -9.68
CA ARG A 229 4.80 -15.42 -10.18
C ARG A 229 3.56 -16.06 -9.58
N ASP A 230 3.37 -15.90 -8.27
CA ASP A 230 2.22 -16.49 -7.61
C ASP A 230 0.91 -15.96 -8.17
N ASN A 231 0.84 -14.66 -8.46
CA ASN A 231 -0.37 -14.11 -9.07
C ASN A 231 -0.57 -14.63 -10.49
N LEU A 232 0.47 -14.60 -11.32
CA LEU A 232 0.31 -15.14 -12.68
C LEU A 232 -0.12 -16.59 -12.66
N THR A 233 0.35 -17.36 -11.68
CA THR A 233 -0.07 -18.75 -11.58
C THR A 233 -1.54 -18.86 -11.20
N LEU A 234 -2.03 -17.92 -10.42
CA LEU A 234 -3.45 -17.88 -10.07
C LEU A 234 -4.32 -17.45 -11.24
N TRP A 235 -3.80 -16.59 -12.12
CA TRP A 235 -4.59 -15.89 -13.11
C TRP A 235 -4.56 -16.52 -14.49
N THR A 236 -3.57 -17.35 -14.80
CA THR A 236 -3.44 -17.93 -16.13
C THR A 236 -3.51 -19.45 -16.11
N ARG B 9 -7.32 -14.96 -2.86
CA ARG B 9 -6.99 -13.56 -3.19
C ARG B 9 -5.52 -13.48 -3.59
N PRO B 10 -5.17 -12.50 -4.43
CA PRO B 10 -3.79 -12.40 -4.92
C PRO B 10 -2.90 -11.70 -3.89
N SER B 11 -1.59 -11.79 -4.13
CA SER B 11 -0.60 -11.26 -3.20
C SER B 11 -0.26 -9.83 -3.53
N TRP B 13 2.30 -6.26 -2.09
CA TRP B 13 3.56 -6.05 -1.39
C TRP B 13 3.42 -4.98 -0.34
N ARG B 14 3.82 -5.39 0.87
CA ARG B 14 3.32 -4.81 2.08
C ARG B 14 4.44 -4.26 2.94
#